data_7CLS
#
_entry.id   7CLS
#
_entity_poly.entity_id   1
_entity_poly.type   'polydeoxyribonucleotide'
_entity_poly.pdbx_seq_one_letter_code
;(DT)(DT)(DG)(DG)(DA)(DT)(DC)(DT)(DG)(DA)(DG)(DA)(DA)(DT)(DC)(DA)(DG)(DA)(DT)(DG)
(DT)(DG)(DG)(DG)(DT)(DG)(DG)(DG)(DT)(DG)(DG)(DG)(DT)
;
_entity_poly.pdbx_strand_id   A
#